data_3A07
#
_entry.id   3A07
#
_cell.length_a   47.346
_cell.length_b   51.633
_cell.length_c   175.296
_cell.angle_alpha   90.000
_cell.angle_beta   90.000
_cell.angle_gamma   90.000
#
_symmetry.space_group_name_H-M   'C 2 2 21'
#
loop_
_entity.id
_entity.type
_entity.pdbx_description
1 polymer Actinohivin
2 non-polymer 'SODIUM ION'
3 water water
#
_entity_poly.entity_id   1
_entity_poly.type   'polypeptide(L)'
_entity_poly.pdbx_seq_one_letter_code
;SAQFASVTIRNAQTGRLLDSNYNGNVYTLPANGGNYQRWTGPGDGTVRNAQTGRCLDSNYDGAVYTLPCNGGSYQKWLFY
SNGYIQNVETGRVLDSNYNGNVYTLPANGGNYQKWYTG
;
_entity_poly.pdbx_strand_id   A,B
#
loop_
_chem_comp.id
_chem_comp.type
_chem_comp.name
_chem_comp.formula
NA non-polymer 'SODIUM ION' 'Na 1'
#
# COMPACT_ATOMS: atom_id res chain seq x y z
N GLN A 3 -2.05 21.19 5.11
CA GLN A 3 -2.37 20.08 6.07
C GLN A 3 -3.78 20.14 6.68
N PHE A 4 -4.39 18.99 7.05
CA PHE A 4 -5.75 19.00 7.68
C PHE A 4 -5.83 17.88 8.71
N ALA A 5 -6.70 17.99 9.69
CA ALA A 5 -6.86 16.92 10.65
C ALA A 5 -8.35 16.67 10.93
N SER A 6 -8.69 15.41 10.69
CA SER A 6 -9.95 14.89 11.06
C SER A 6 -11.08 15.67 10.34
N VAL A 7 -10.98 15.83 9.02
CA VAL A 7 -11.98 16.54 8.20
C VAL A 7 -12.84 15.49 7.53
N THR A 8 -14.05 15.85 7.16
CA THR A 8 -14.86 15.03 6.22
C THR A 8 -14.53 15.41 4.81
N ILE A 9 -14.76 14.46 3.91
CA ILE A 9 -14.55 14.67 2.46
C ILE A 9 -15.85 14.25 1.80
N ARG A 10 -16.65 15.21 1.39
CA ARG A 10 -18.00 14.97 0.92
C ARG A 10 -18.06 15.13 -0.59
N ASN A 11 -18.78 14.18 -1.24
CA ASN A 11 -19.00 14.31 -2.66
C ASN A 11 -19.95 15.44 -3.00
N ALA A 12 -19.60 16.35 -3.86
CA ALA A 12 -20.49 17.49 -4.13
C ALA A 12 -21.79 17.02 -4.72
N GLN A 13 -21.79 16.09 -5.64
CA GLN A 13 -23.03 15.60 -6.31
C GLN A 13 -23.86 14.84 -5.37
N THR A 14 -23.34 13.80 -4.74
CA THR A 14 -24.23 12.88 -3.99
C THR A 14 -24.45 13.36 -2.60
N GLY A 15 -23.53 14.17 -2.05
CA GLY A 15 -23.68 14.53 -0.63
C GLY A 15 -23.17 13.48 0.36
N ARG A 16 -22.73 12.34 -0.14
CA ARG A 16 -22.26 11.26 0.71
C ARG A 16 -20.81 11.49 1.09
N LEU A 17 -20.37 10.92 2.20
CA LEU A 17 -18.99 11.12 2.74
C LEU A 17 -18.12 9.95 2.45
N LEU A 18 -16.91 10.28 2.09
CA LEU A 18 -15.84 9.28 1.92
C LEU A 18 -15.64 8.55 3.21
N ASP A 19 -15.53 7.22 3.18
CA ASP A 19 -15.53 6.39 4.36
C ASP A 19 -14.67 5.16 4.03
N SER A 20 -14.16 4.50 5.05
CA SER A 20 -13.41 3.25 4.82
C SER A 20 -13.40 2.43 6.09
N ASN A 21 -12.90 1.22 5.99
CA ASN A 21 -12.92 0.27 7.11
C ASN A 21 -11.56 -0.34 7.37
N TYR A 22 -11.48 -1.21 8.39
CA TYR A 22 -10.15 -1.79 8.70
C TYR A 22 -9.73 -2.81 7.67
N ASN A 23 -10.56 -3.30 6.83
CA ASN A 23 -10.17 -4.20 5.73
C ASN A 23 -9.70 -3.46 4.54
N GLY A 24 -9.71 -2.16 4.55
CA GLY A 24 -9.18 -1.38 3.42
C GLY A 24 -10.25 -1.08 2.40
N ASN A 25 -11.50 -1.38 2.61
CA ASN A 25 -12.54 -0.99 1.65
C ASN A 25 -12.83 0.49 1.74
N VAL A 26 -13.05 1.14 0.65
CA VAL A 26 -13.43 2.56 0.58
C VAL A 26 -14.74 2.68 -0.13
N TYR A 27 -15.58 3.59 0.33
CA TYR A 27 -16.95 3.76 -0.21
C TYR A 27 -17.41 5.11 0.26
N THR A 28 -18.61 5.53 -0.16
CA THR A 28 -19.25 6.69 0.45
C THR A 28 -20.48 6.23 1.12
N LEU A 29 -20.84 6.95 2.21
CA LEU A 29 -22.12 6.67 2.95
C LEU A 29 -22.67 8.02 3.35
N PRO A 30 -23.97 8.02 3.69
CA PRO A 30 -24.52 9.24 4.28
C PRO A 30 -23.77 9.56 5.59
N ALA A 31 -23.71 10.83 5.85
CA ALA A 31 -23.00 11.29 7.09
C ALA A 31 -23.52 10.60 8.30
N ASN A 32 -22.62 10.14 9.16
CA ASN A 32 -23.07 9.53 10.42
C ASN A 32 -22.32 10.01 11.59
N GLY A 33 -21.43 10.99 11.47
CA GLY A 33 -20.63 11.54 12.61
C GLY A 33 -19.48 10.70 13.05
N GLY A 34 -19.23 9.57 12.47
CA GLY A 34 -18.21 8.66 12.95
C GLY A 34 -16.84 9.06 12.48
N ASN A 35 -15.82 8.53 13.15
CA ASN A 35 -14.45 8.79 12.79
C ASN A 35 -13.93 8.02 11.54
N TYR A 36 -14.67 7.00 11.11
CA TYR A 36 -14.35 6.33 9.83
C TYR A 36 -14.58 7.31 8.68
N GLN A 37 -15.43 8.34 8.87
CA GLN A 37 -15.72 9.36 7.89
C GLN A 37 -14.82 10.58 8.04
N ARG A 38 -13.78 10.47 8.84
CA ARG A 38 -12.83 11.59 8.97
C ARG A 38 -11.50 11.19 8.43
N TRP A 39 -10.73 12.18 7.99
CA TRP A 39 -9.48 11.94 7.26
C TRP A 39 -8.51 13.00 7.68
N THR A 40 -7.23 12.63 7.66
CA THR A 40 -6.16 13.50 8.13
C THR A 40 -5.09 13.55 7.11
N GLY A 41 -4.55 14.73 6.81
CA GLY A 41 -3.49 15.01 5.80
C GLY A 41 -2.32 15.60 6.48
N PRO A 42 -1.27 14.88 6.77
CA PRO A 42 -0.11 15.41 7.50
C PRO A 42 0.70 16.41 6.68
N GLY A 43 0.61 16.56 5.41
CA GLY A 43 1.61 17.34 4.91
C GLY A 43 2.47 16.55 3.97
N ASP A 44 2.42 15.21 3.91
CA ASP A 44 3.18 14.47 2.90
C ASP A 44 2.36 14.09 1.68
N GLY A 45 1.18 14.66 1.49
CA GLY A 45 0.31 14.28 0.38
C GLY A 45 -0.61 13.10 0.67
N THR A 46 -0.44 12.44 1.82
CA THR A 46 -1.30 11.33 2.13
C THR A 46 -2.64 11.79 2.69
N VAL A 47 -3.60 10.90 2.59
CA VAL A 47 -4.97 11.15 3.06
C VAL A 47 -5.26 9.92 3.95
N ARG A 48 -5.20 10.04 5.24
CA ARG A 48 -5.18 8.94 6.17
C ARG A 48 -6.51 8.82 6.87
N ASN A 49 -7.11 7.67 7.02
CA ASN A 49 -8.40 7.57 7.73
C ASN A 49 -8.16 7.83 9.17
N ALA A 50 -9.01 8.67 9.77
CA ALA A 50 -8.79 9.09 11.16
C ALA A 50 -9.00 7.92 12.08
N GLN A 51 -9.89 6.98 11.82
CA GLN A 51 -10.12 5.80 12.67
C GLN A 51 -9.04 4.78 12.44
N THR A 52 -8.79 4.38 11.17
CA THR A 52 -7.93 3.21 10.92
C THR A 52 -6.48 3.57 10.80
N GLY A 53 -6.11 4.80 10.43
CA GLY A 53 -4.76 5.26 10.14
C GLY A 53 -4.32 4.81 8.79
N ARG A 54 -5.12 4.07 8.02
CA ARG A 54 -4.63 3.59 6.70
C ARG A 54 -4.70 4.69 5.69
N CYS A 55 -3.87 4.62 4.67
CA CYS A 55 -3.73 5.62 3.62
C CYS A 55 -4.63 5.35 2.43
N LEU A 56 -5.32 6.36 1.93
CA LEU A 56 -6.04 6.26 0.69
C LEU A 56 -5.09 5.99 -0.45
N ASP A 57 -5.46 5.07 -1.31
CA ASP A 57 -4.53 4.54 -2.34
C ASP A 57 -5.38 4.18 -3.53
N SER A 58 -4.77 4.15 -4.71
CA SER A 58 -5.52 3.77 -5.92
C SER A 58 -4.55 3.24 -6.96
N ASN A 59 -5.11 2.73 -8.05
CA ASN A 59 -4.26 2.11 -9.08
C ASN A 59 -4.65 2.62 -10.47
N TYR A 60 -3.93 2.17 -11.51
CA TYR A 60 -4.17 2.63 -12.88
C TYR A 60 -5.45 2.06 -13.40
N ASP A 61 -6.05 1.05 -12.86
CA ASP A 61 -7.35 0.60 -13.28
C ASP A 61 -8.48 1.38 -12.69
N GLY A 62 -8.21 2.28 -11.79
CA GLY A 62 -9.26 3.12 -11.18
C GLY A 62 -9.82 2.57 -9.88
N ALA A 63 -9.23 1.53 -9.31
CA ALA A 63 -9.68 1.10 -8.01
C ALA A 63 -9.12 1.98 -6.93
N VAL A 64 -9.88 2.12 -5.85
CA VAL A 64 -9.50 2.89 -4.67
C VAL A 64 -9.72 2.02 -3.43
N TYR A 65 -8.83 2.16 -2.46
CA TYR A 65 -8.77 1.31 -1.28
C TYR A 65 -7.92 2.00 -0.26
N THR A 66 -7.80 1.47 0.93
CA THR A 66 -6.77 1.97 1.87
C THR A 66 -5.82 0.84 2.20
N LEU A 67 -4.56 1.22 2.48
CA LEU A 67 -3.51 0.27 2.81
C LEU A 67 -2.58 0.96 3.83
N PRO A 68 -1.77 0.18 4.54
CA PRO A 68 -0.77 0.81 5.42
C PRO A 68 0.03 1.84 4.64
N CYS A 69 0.33 2.96 5.28
CA CYS A 69 1.09 3.99 4.62
C CYS A 69 2.50 3.57 4.34
N ASN A 70 2.90 3.64 3.06
CA ASN A 70 4.18 3.10 2.59
C ASN A 70 5.06 4.10 1.93
N GLY A 71 4.67 5.35 1.85
CA GLY A 71 5.55 6.42 1.29
C GLY A 71 5.44 6.51 -0.16
N GLY A 72 4.74 5.64 -0.86
CA GLY A 72 4.75 5.64 -2.35
C GLY A 72 3.79 6.66 -2.97
N SER A 73 4.06 6.91 -4.25
CA SER A 73 3.27 7.96 -4.97
C SER A 73 1.82 7.58 -5.24
N TYR A 74 1.47 6.28 -5.21
CA TYR A 74 0.09 5.86 -5.36
C TYR A 74 -0.74 6.31 -4.12
N GLN A 75 -0.07 6.62 -3.01
CA GLN A 75 -0.73 7.09 -1.79
C GLN A 75 -0.68 8.62 -1.64
N LYS A 76 -0.19 9.31 -2.66
CA LYS A 76 -0.14 10.78 -2.59
C LYS A 76 -1.24 11.40 -3.45
N TRP A 77 -1.84 12.44 -2.96
CA TRP A 77 -2.98 13.07 -3.60
C TRP A 77 -2.78 14.53 -3.63
N LEU A 78 -3.31 15.22 -4.64
CA LEU A 78 -3.33 16.68 -4.80
C LEU A 78 -4.71 17.18 -4.68
N PHE A 79 -4.94 18.18 -3.84
CA PHE A 79 -6.23 18.79 -3.63
C PHE A 79 -6.29 20.07 -4.40
N TYR A 80 -7.23 20.29 -5.25
CA TYR A 80 -7.38 21.53 -6.04
C TYR A 80 -8.43 22.38 -5.43
N SER A 81 -8.28 23.70 -5.62
CA SER A 81 -9.27 24.60 -5.06
C SER A 81 -10.63 24.43 -5.72
N ASN A 82 -10.75 23.83 -6.89
CA ASN A 82 -12.04 23.59 -7.49
C ASN A 82 -12.67 22.26 -7.06
N GLY A 83 -12.04 21.52 -6.12
CA GLY A 83 -12.63 20.34 -5.60
C GLY A 83 -12.12 19.02 -6.14
N TYR A 84 -11.28 19.02 -7.18
CA TYR A 84 -10.64 17.78 -7.59
C TYR A 84 -9.68 17.24 -6.52
N ILE A 85 -9.63 15.93 -6.41
CA ILE A 85 -8.65 15.21 -5.56
C ILE A 85 -7.91 14.25 -6.51
N GLN A 86 -6.67 14.51 -6.87
CA GLN A 86 -6.00 13.82 -7.96
C GLN A 86 -4.94 12.95 -7.41
N ASN A 87 -4.86 11.71 -7.86
CA ASN A 87 -3.76 10.79 -7.48
C ASN A 87 -2.50 11.25 -8.14
N VAL A 88 -1.41 11.35 -7.37
CA VAL A 88 -0.13 11.79 -7.95
C VAL A 88 0.46 10.81 -8.88
N GLU A 89 0.43 9.54 -8.61
CA GLU A 89 1.03 8.58 -9.51
C GLU A 89 0.24 8.48 -10.81
N THR A 90 -1.09 8.30 -10.72
CA THR A 90 -1.83 7.96 -11.95
C THR A 90 -2.38 9.15 -12.67
N GLY A 91 -2.54 10.30 -11.98
CA GLY A 91 -3.19 11.46 -12.54
C GLY A 91 -4.70 11.41 -12.60
N ARG A 92 -5.27 10.28 -12.25
CA ARG A 92 -6.73 10.13 -12.23
C ARG A 92 -7.35 10.83 -10.99
N VAL A 93 -8.61 11.20 -11.06
CA VAL A 93 -9.20 11.92 -9.92
C VAL A 93 -10.22 11.07 -9.23
N LEU A 94 -10.39 11.31 -7.92
CA LEU A 94 -11.32 10.60 -7.11
C LEU A 94 -12.74 10.89 -7.57
N ASP A 95 -13.60 9.88 -7.54
CA ASP A 95 -14.96 9.95 -8.05
C ASP A 95 -15.80 8.96 -7.36
N SER A 96 -17.13 9.16 -7.39
CA SER A 96 -18.03 8.22 -6.74
C SER A 96 -19.41 8.32 -7.32
N ASN A 97 -20.32 7.46 -6.85
CA ASN A 97 -21.68 7.43 -7.41
C ASN A 97 -22.70 7.35 -6.29
N TYR A 98 -23.97 7.34 -6.69
CA TYR A 98 -25.04 7.29 -5.68
C TYR A 98 -25.12 6.00 -4.93
N ASN A 99 -24.58 4.91 -5.50
CA ASN A 99 -24.52 3.58 -4.89
C ASN A 99 -23.50 3.56 -3.78
N GLY A 100 -22.58 4.53 -3.70
CA GLY A 100 -21.48 4.52 -2.72
C GLY A 100 -20.21 3.95 -3.20
N ASN A 101 -20.11 3.58 -4.49
CA ASN A 101 -18.83 3.12 -5.01
C ASN A 101 -17.90 4.30 -5.18
N VAL A 102 -16.63 4.09 -4.91
CA VAL A 102 -15.57 5.10 -5.11
C VAL A 102 -14.53 4.53 -6.05
N TYR A 103 -13.99 5.32 -6.90
CA TYR A 103 -13.05 4.92 -7.97
C TYR A 103 -12.30 6.12 -8.39
N THR A 104 -11.35 5.96 -9.33
CA THR A 104 -10.72 7.11 -9.96
C THR A 104 -11.01 7.03 -11.47
N LEU A 105 -11.08 8.21 -12.09
CA LEU A 105 -11.28 8.36 -13.54
C LEU A 105 -10.52 9.54 -13.99
N PRO A 106 -10.18 9.64 -15.28
CA PRO A 106 -9.63 10.93 -15.77
C PRO A 106 -10.62 12.03 -15.47
N ALA A 107 -10.06 13.22 -15.23
CA ALA A 107 -10.91 14.42 -14.90
C ALA A 107 -11.82 14.71 -16.06
N ASN A 108 -13.11 14.90 -15.80
CA ASN A 108 -14.09 15.19 -16.84
C ASN A 108 -14.98 16.34 -16.38
N GLY A 109 -14.71 17.12 -15.37
CA GLY A 109 -15.48 18.32 -15.05
C GLY A 109 -16.80 18.03 -14.38
N GLY A 110 -17.17 16.79 -14.16
CA GLY A 110 -18.45 16.52 -13.55
C GLY A 110 -18.49 16.73 -12.05
N ASN A 111 -19.65 16.93 -11.48
CA ASN A 111 -19.79 17.12 -10.05
C ASN A 111 -19.51 15.96 -9.20
N TYR A 112 -19.57 14.74 -9.78
CA TYR A 112 -19.18 13.53 -9.06
C TYR A 112 -17.68 13.55 -8.75
N GLN A 113 -16.89 14.35 -9.45
CA GLN A 113 -15.45 14.48 -9.17
C GLN A 113 -15.13 15.67 -8.37
N LYS A 114 -16.10 16.40 -7.84
CA LYS A 114 -15.83 17.54 -6.96
C LYS A 114 -16.09 17.15 -5.53
N TRP A 115 -15.18 17.42 -4.63
CA TRP A 115 -15.24 17.07 -3.26
C TRP A 115 -15.11 18.30 -2.40
N TYR A 116 -15.80 18.26 -1.28
CA TYR A 116 -15.72 19.36 -0.29
C TYR A 116 -15.06 18.84 0.93
N THR A 117 -13.93 19.44 1.28
CA THR A 117 -13.03 18.89 2.33
C THR A 117 -13.02 19.87 3.47
N GLY A 118 -13.45 19.46 4.65
CA GLY A 118 -13.44 20.39 5.75
C GLY A 118 -13.73 19.87 7.12
N SER B 1 21.61 -16.04 9.87
CA SER B 1 20.49 -16.66 9.10
C SER B 1 21.12 -17.46 7.92
N ALA B 2 20.31 -18.34 7.32
CA ALA B 2 20.80 -19.05 6.08
C ALA B 2 20.89 -18.07 4.91
N GLN B 3 22.01 -18.05 4.26
CA GLN B 3 22.29 -17.09 3.18
C GLN B 3 21.73 -17.53 1.85
N PHE B 4 21.60 -16.56 0.91
CA PHE B 4 21.16 -16.84 -0.46
C PHE B 4 21.63 -15.68 -1.33
N ALA B 5 21.70 -15.86 -2.64
CA ALA B 5 22.14 -14.75 -3.48
C ALA B 5 21.46 -14.82 -4.83
N SER B 6 20.95 -13.66 -5.27
CA SER B 6 20.31 -13.48 -6.56
C SER B 6 19.19 -14.49 -6.79
N VAL B 7 18.30 -14.62 -5.87
CA VAL B 7 17.14 -15.50 -6.03
C VAL B 7 15.89 -14.69 -6.32
N THR B 8 14.88 -15.31 -6.88
CA THR B 8 13.53 -14.72 -6.94
C THR B 8 12.75 -15.16 -5.71
N ILE B 9 11.73 -14.39 -5.40
CA ILE B 9 10.86 -14.64 -4.27
C ILE B 9 9.42 -14.55 -4.81
N ARG B 10 8.77 -15.68 -5.01
CA ARG B 10 7.49 -15.74 -5.75
C ARG B 10 6.37 -16.00 -4.78
N ASN B 11 5.30 -15.25 -4.89
CA ASN B 11 4.13 -15.51 -4.06
C ASN B 11 3.44 -16.82 -4.49
N ALA B 12 3.18 -17.70 -3.53
CA ALA B 12 2.60 -19.02 -3.90
C ALA B 12 1.22 -18.87 -4.46
N GLN B 13 0.39 -17.94 -3.95
CA GLN B 13 -0.95 -17.80 -4.49
C GLN B 13 -0.99 -17.10 -5.80
N THR B 14 -0.36 -15.92 -5.91
CA THR B 14 -0.51 -15.13 -7.11
C THR B 14 0.46 -15.52 -8.16
N GLY B 15 1.60 -16.08 -7.85
CA GLY B 15 2.63 -16.39 -8.82
C GLY B 15 3.48 -15.18 -9.20
N ARG B 16 3.19 -13.99 -8.64
CA ARG B 16 3.97 -12.78 -8.97
C ARG B 16 5.19 -12.75 -8.13
N LEU B 17 6.23 -12.01 -8.60
CA LEU B 17 7.53 -11.94 -7.97
C LEU B 17 7.71 -10.68 -7.18
N LEU B 18 8.33 -10.80 -6.01
CA LEU B 18 8.71 -9.63 -5.18
C LEU B 18 9.66 -8.80 -5.91
N ASP B 19 9.44 -7.46 -5.90
CA ASP B 19 10.18 -6.54 -6.73
C ASP B 19 10.26 -5.22 -5.98
N SER B 20 11.23 -4.37 -6.34
CA SER B 20 11.30 -3.05 -5.68
C SER B 20 12.06 -2.11 -6.56
N ASN B 21 12.09 -0.81 -6.22
CA ASN B 21 12.76 0.17 -7.03
C ASN B 21 13.64 1.04 -6.17
N TYR B 22 14.30 2.02 -6.83
CA TYR B 22 15.31 2.84 -6.11
C TYR B 22 14.63 3.77 -5.15
N ASN B 23 13.35 4.07 -5.30
CA ASN B 23 12.64 4.91 -4.36
C ASN B 23 12.26 4.15 -3.12
N GLY B 24 12.50 2.86 -3.04
CA GLY B 24 12.09 2.10 -1.86
C GLY B 24 10.74 1.52 -1.94
N ASN B 25 10.03 1.65 -3.06
CA ASN B 25 8.74 1.00 -3.19
C ASN B 25 8.88 -0.50 -3.37
N VAL B 26 8.05 -1.28 -2.74
CA VAL B 26 8.00 -2.75 -2.87
C VAL B 26 6.67 -3.17 -3.40
N TYR B 27 6.65 -4.19 -4.25
CA TYR B 27 5.39 -4.62 -4.91
C TYR B 27 5.66 -5.98 -5.47
N THR B 28 4.67 -6.64 -6.04
CA THR B 28 4.92 -7.81 -6.86
C THR B 28 4.54 -7.53 -8.28
N LEU B 29 5.22 -8.18 -9.23
CA LEU B 29 4.96 -8.01 -10.65
C LEU B 29 5.09 -9.37 -11.31
N PRO B 30 4.52 -9.61 -12.46
CA PRO B 30 4.87 -10.83 -13.22
C PRO B 30 6.35 -10.92 -13.45
N ALA B 31 6.86 -12.17 -13.52
CA ALA B 31 8.29 -12.41 -13.79
C ALA B 31 8.69 -11.73 -15.06
N ASN B 32 9.86 -11.07 -15.05
CA ASN B 32 10.37 -10.40 -16.27
C ASN B 32 11.85 -10.65 -16.50
N GLY B 33 12.56 -11.42 -15.74
CA GLY B 33 14.00 -11.72 -15.97
C GLY B 33 14.92 -10.57 -15.61
N GLY B 34 14.45 -9.46 -15.10
CA GLY B 34 15.33 -8.34 -14.72
C GLY B 34 15.85 -8.50 -13.28
N ASN B 35 16.86 -7.68 -12.97
CA ASN B 35 17.59 -7.84 -11.70
C ASN B 35 16.84 -7.21 -10.53
N TYR B 36 15.84 -6.37 -10.75
CA TYR B 36 15.03 -5.82 -9.67
C TYR B 36 14.18 -6.90 -9.00
N GLN B 37 13.95 -8.06 -9.65
CA GLN B 37 13.25 -9.17 -9.06
C GLN B 37 14.17 -10.19 -8.43
N ARG B 38 15.44 -9.82 -8.22
CA ARG B 38 16.40 -10.73 -7.55
C ARG B 38 16.79 -10.17 -6.23
N TRP B 39 17.07 -11.04 -5.29
CA TRP B 39 17.24 -10.71 -3.87
C TRP B 39 18.37 -11.53 -3.30
N THR B 40 19.08 -10.96 -2.33
CA THR B 40 20.28 -11.54 -1.72
C THR B 40 20.20 -11.40 -0.25
N GLY B 41 20.51 -12.48 0.49
CA GLY B 41 20.54 -12.48 1.93
C GLY B 41 21.94 -12.88 2.36
N PRO B 42 22.78 -12.00 2.85
CA PRO B 42 24.17 -12.35 3.09
C PRO B 42 24.30 -13.22 4.35
N GLY B 43 23.31 -13.38 5.19
CA GLY B 43 23.40 -14.23 6.39
C GLY B 43 23.26 -13.45 7.67
N ASP B 44 22.83 -12.17 7.61
CA ASP B 44 22.54 -11.34 8.76
C ASP B 44 21.04 -11.20 8.90
N GLY B 45 20.22 -11.96 8.24
CA GLY B 45 18.77 -11.84 8.29
C GLY B 45 18.24 -10.85 7.30
N THR B 46 19.06 -10.06 6.63
CA THR B 46 18.56 -9.05 5.68
C THR B 46 18.16 -9.70 4.38
N VAL B 47 17.28 -9.01 3.67
CA VAL B 47 16.85 -9.43 2.34
C VAL B 47 17.07 -8.23 1.43
N ARG B 48 18.09 -8.20 0.60
CA ARG B 48 18.57 -7.05 -0.09
C ARG B 48 18.22 -7.13 -1.54
N ASN B 49 17.74 -6.10 -2.15
CA ASN B 49 17.49 -6.14 -3.57
C ASN B 49 18.75 -6.21 -4.35
N ALA B 50 18.83 -7.13 -5.32
CA ALA B 50 20.11 -7.34 -6.04
C ALA B 50 20.44 -6.20 -6.87
N GLN B 51 19.49 -5.42 -7.34
CA GLN B 51 19.74 -4.23 -8.18
C GLN B 51 20.05 -3.04 -7.35
N THR B 52 19.21 -2.72 -6.35
CA THR B 52 19.33 -1.47 -5.65
C THR B 52 20.21 -1.57 -4.39
N GLY B 53 20.42 -2.74 -3.87
CA GLY B 53 21.15 -2.94 -2.62
C GLY B 53 20.36 -2.57 -1.41
N ARG B 54 19.13 -2.11 -1.51
CA ARG B 54 18.35 -1.68 -0.34
C ARG B 54 17.79 -2.87 0.36
N CYS B 55 17.56 -2.75 1.63
CA CYS B 55 17.01 -3.83 2.50
C CYS B 55 15.53 -3.77 2.65
N LEU B 56 14.88 -4.92 2.50
CA LEU B 56 13.46 -5.09 2.80
C LEU B 56 13.22 -4.74 4.26
N ASP B 57 12.14 -3.99 4.51
CA ASP B 57 11.91 -3.41 5.86
C ASP B 57 10.40 -3.32 6.00
N SER B 58 9.91 -3.27 7.25
CA SER B 58 8.48 -3.17 7.48
C SER B 58 8.21 -2.59 8.83
N ASN B 59 6.96 -2.25 9.13
CA ASN B 59 6.61 -1.66 10.41
C ASN B 59 5.50 -2.41 11.06
N TYR B 60 5.12 -1.97 12.27
CA TYR B 60 4.03 -2.63 12.99
C TYR B 60 2.66 -2.42 12.35
N ASP B 61 2.49 -1.43 11.54
CA ASP B 61 1.23 -1.19 10.85
C ASP B 61 1.12 -2.06 9.60
N GLY B 62 2.12 -2.77 9.24
CA GLY B 62 2.06 -3.69 8.09
C GLY B 62 2.55 -3.11 6.79
N ALA B 63 3.14 -1.92 6.79
CA ALA B 63 3.75 -1.39 5.57
C ALA B 63 5.08 -2.12 5.30
N VAL B 64 5.43 -2.26 4.02
CA VAL B 64 6.68 -2.86 3.55
C VAL B 64 7.32 -1.94 2.53
N TYR B 65 8.63 -1.83 2.59
CA TYR B 65 9.37 -0.87 1.75
C TYR B 65 10.79 -1.34 1.77
N THR B 66 11.67 -0.71 0.99
CA THR B 66 13.12 -0.94 1.18
C THR B 66 13.77 0.38 1.58
N LEU B 67 14.85 0.22 2.36
CA LEU B 67 15.62 1.37 2.87
C LEU B 67 17.05 0.96 2.89
N PRO B 68 17.99 1.92 3.04
CA PRO B 68 19.38 1.51 3.26
C PRO B 68 19.51 0.59 4.44
N CYS B 69 20.40 -0.43 4.34
CA CYS B 69 20.54 -1.38 5.39
C CYS B 69 21.13 -0.74 6.60
N ASN B 70 20.48 -0.86 7.75
CA ASN B 70 20.90 -0.14 8.95
C ASN B 70 21.17 -1.04 10.12
N GLY B 71 21.11 -2.34 9.96
CA GLY B 71 21.43 -3.30 11.03
C GLY B 71 20.32 -3.55 11.96
N GLY B 72 19.14 -2.90 11.86
CA GLY B 72 18.09 -3.03 12.86
C GLY B 72 17.20 -4.26 12.61
N SER B 73 16.43 -4.60 13.66
CA SER B 73 15.59 -5.75 13.69
C SER B 73 14.43 -5.69 12.68
N TYR B 74 13.94 -4.49 12.36
CA TYR B 74 12.88 -4.38 11.34
C TYR B 74 13.34 -4.80 9.98
N GLN B 75 14.64 -4.86 9.73
CA GLN B 75 15.20 -5.27 8.47
C GLN B 75 15.66 -6.74 8.51
N LYS B 76 15.31 -7.48 9.53
CA LYS B 76 15.64 -8.92 9.62
C LYS B 76 14.44 -9.77 9.41
N TRP B 77 14.60 -10.84 8.69
CA TRP B 77 13.52 -11.70 8.23
C TRP B 77 13.89 -13.15 8.40
N LEU B 78 12.96 -13.97 8.80
CA LEU B 78 13.13 -15.43 9.03
C LEU B 78 12.43 -16.16 7.93
N PHE B 79 13.11 -16.99 7.16
CA PHE B 79 12.55 -17.79 6.10
C PHE B 79 12.22 -19.18 6.60
N TYR B 80 11.01 -19.58 6.75
CA TYR B 80 10.64 -20.94 7.25
C TYR B 80 10.56 -21.87 6.06
N SER B 81 10.73 -23.15 6.31
CA SER B 81 10.71 -24.18 5.25
C SER B 81 9.34 -24.33 4.64
N ASN B 82 8.28 -23.86 5.27
CA ASN B 82 6.92 -23.92 4.72
C ASN B 82 6.55 -22.69 3.93
N GLY B 83 7.48 -21.77 3.72
CA GLY B 83 7.30 -20.57 2.85
C GLY B 83 6.92 -19.32 3.57
N TYR B 84 6.71 -19.32 4.90
CA TYR B 84 6.54 -18.02 5.60
C TYR B 84 7.81 -17.24 5.54
N ILE B 85 7.67 -15.91 5.43
CA ILE B 85 8.81 -14.99 5.56
C ILE B 85 8.41 -14.01 6.65
N GLN B 86 8.97 -14.13 7.85
CA GLN B 86 8.47 -13.42 9.05
C GLN B 86 9.44 -12.31 9.41
N ASN B 87 8.90 -11.16 9.76
CA ASN B 87 9.73 -10.02 10.23
C ASN B 87 10.16 -10.30 11.68
N VAL B 88 11.47 -10.20 11.91
CA VAL B 88 11.97 -10.53 13.27
C VAL B 88 11.46 -9.53 14.28
N GLU B 89 11.38 -8.25 14.00
CA GLU B 89 10.91 -7.29 15.03
C GLU B 89 9.42 -7.49 15.31
N THR B 90 8.55 -7.53 14.31
CA THR B 90 7.14 -7.44 14.50
C THR B 90 6.46 -8.78 14.72
N GLY B 91 7.06 -9.86 14.18
CA GLY B 91 6.39 -11.16 14.15
C GLY B 91 5.36 -11.29 13.04
N ARG B 92 5.10 -10.21 12.28
CA ARG B 92 4.17 -10.29 11.18
C ARG B 92 4.83 -10.96 10.00
N VAL B 93 4.05 -11.47 9.07
CA VAL B 93 4.64 -12.20 7.91
C VAL B 93 4.33 -11.48 6.63
N LEU B 94 5.25 -11.63 5.66
CA LEU B 94 5.13 -11.03 4.35
C LEU B 94 3.92 -11.57 3.62
N ASP B 95 3.19 -10.71 2.89
CA ASP B 95 1.95 -11.04 2.28
C ASP B 95 1.73 -10.18 1.07
N SER B 96 0.90 -10.60 0.17
CA SER B 96 0.65 -9.76 -1.06
C SER B 96 -0.63 -10.15 -1.66
N ASN B 97 -1.07 -9.43 -2.70
CA ASN B 97 -2.36 -9.66 -3.34
C ASN B 97 -2.17 -9.64 -4.83
N TYR B 98 -3.32 -9.92 -5.58
CA TYR B 98 -3.27 -9.97 -7.02
C TYR B 98 -3.02 -8.62 -7.65
N ASN B 99 -3.28 -7.51 -6.94
CA ASN B 99 -3.01 -6.17 -7.41
C ASN B 99 -1.56 -5.86 -7.34
N GLY B 100 -0.72 -6.63 -6.67
CA GLY B 100 0.70 -6.35 -6.55
C GLY B 100 1.10 -5.59 -5.29
N ASN B 101 0.13 -5.33 -4.39
CA ASN B 101 0.51 -4.72 -3.12
C ASN B 101 1.19 -5.76 -2.22
N VAL B 102 2.17 -5.29 -1.47
CA VAL B 102 2.88 -6.13 -0.49
C VAL B 102 2.76 -5.46 0.87
N TYR B 103 2.58 -6.26 1.91
CA TYR B 103 2.36 -5.77 3.25
C TYR B 103 2.75 -6.89 4.18
N THR B 104 2.69 -6.66 5.51
CA THR B 104 2.76 -7.74 6.46
C THR B 104 1.47 -7.80 7.26
N LEU B 105 1.14 -9.02 7.72
CA LEU B 105 -0.04 -9.31 8.54
C LEU B 105 0.35 -10.33 9.53
N PRO B 106 -0.38 -10.44 10.66
CA PRO B 106 -0.17 -11.65 11.52
C PRO B 106 -0.41 -12.91 10.66
N ALA B 107 0.33 -13.93 11.02
CA ALA B 107 0.20 -15.21 10.30
C ALA B 107 -1.18 -15.75 10.30
N ASN B 108 -1.67 -16.20 9.16
CA ASN B 108 -3.01 -16.79 9.05
C ASN B 108 -2.96 -18.14 8.26
N GLY B 109 -1.79 -18.59 7.84
CA GLY B 109 -1.64 -19.90 7.18
C GLY B 109 -2.10 -19.91 5.72
N GLY B 110 -2.48 -18.76 5.17
CA GLY B 110 -2.98 -18.76 3.78
C GLY B 110 -1.88 -18.79 2.75
N ASN B 111 -2.24 -19.07 1.51
CA ASN B 111 -1.28 -19.13 0.46
C ASN B 111 -0.70 -17.81 0.06
N TYR B 112 -1.44 -16.70 0.33
CA TYR B 112 -0.84 -15.38 0.04
C TYR B 112 0.37 -15.09 0.97
N GLN B 113 0.49 -15.82 2.08
CA GLN B 113 1.59 -15.67 3.00
C GLN B 113 2.65 -16.74 2.79
N LYS B 114 2.61 -17.48 1.72
CA LYS B 114 3.54 -18.53 1.40
C LYS B 114 4.36 -18.07 0.22
N TRP B 115 5.68 -18.19 0.29
CA TRP B 115 6.57 -17.66 -0.76
C TRP B 115 7.56 -18.75 -1.14
N TYR B 116 7.89 -18.82 -2.43
CA TYR B 116 8.90 -19.73 -2.93
C TYR B 116 10.13 -19.00 -3.31
N THR B 117 11.26 -19.29 -2.67
CA THR B 117 12.50 -18.56 -2.81
C THR B 117 13.50 -19.42 -3.52
N GLY B 118 14.02 -18.97 -4.63
CA GLY B 118 14.98 -19.80 -5.27
C GLY B 118 15.59 -19.27 -6.51
NA NA C . -11.70 14.49 -7.79
NA NA D . -15.68 11.94 4.86
NA NA E . -2.87 8.46 1.24
NA NA F . 16.34 -6.63 4.93
NA NA G . 5.05 -14.98 4.79
NA NA H . 11.43 -11.97 -6.88
#